data_7LAM
#
_entry.id   7LAM
#
_cell.length_a   178.242
_cell.length_b   178.242
_cell.length_c   178.242
_cell.angle_alpha   90.000
_cell.angle_beta   90.000
_cell.angle_gamma   90.000
#
_symmetry.space_group_name_H-M   'I 2 3'
#
loop_
_entity.id
_entity.type
_entity.pdbx_description
1 polymer 'Lytic transglycosylase domain-containing protein'
2 branched 2-acetamido-2-deoxy-beta-D-glucopyranose-(1-4)-2-acetamido-2-deoxy-beta-D-glucopyranose-(1-4)-2-acetamido-2-deoxy-beta-D-glucopyranose
3 non-polymer 'CITRIC ACID'
4 non-polymer 'ACETATE ION'
5 water water
#
_entity_poly.entity_id   1
_entity_poly.type   'polypeptide(L)'
_entity_poly.pdbx_seq_one_letter_code
;MGSSHHHHHHSSGLVPRGSHMQYSIEKLKKEENSLAKDYYIYRLLEKNKISKKDAQDLNSHIFRYIGKIKSELEKIIPLK
PYINPKYAKCYTYTANTILDANLTCQSVRLNSLVFIASLNSKDRTTLAQTFKNQRPDLTNLLLAFNTSDPMSYIVQKEDI
NGFFKLYNYSKKYDLDLNTSLVNKLPNHIGFKDFAQNIIIKKENPKFRHSMLEINPENVSEDSAFYLGVNALTYDKTELA
YDFFKKAAQSFKSQSNKDNAIFWMWLIKNNEEDLKTLSQSSSLNIYSLYAKELTNTPFPKIESLNPSKKKNNFNMQDPFA
WQKINKQIRDANASQLDVLAKEFDTQETLPIYAYILERKNNFKKHYFIMPYYDNIKDYNKTRQALILAIARQESRFIPTA
ISVSYALGMMQFMPFLANHIGEKELKIPNFDQDFMFKPEIAYYFGNYHLNYLESRLKSPLFVAYAYNGGIGFTNRMLARN
DMFKTGKFEPFLSMELVPYQESRIYGKKVLANYIVYRHLLNDSIKISDIFENLIQNKANDLNKS
;
_entity_poly.pdbx_strand_id   A
#
# COMPACT_ATOMS: atom_id res chain seq x y z
N HIS A 20 13.22 2.28 -29.37
CA HIS A 20 13.27 1.30 -28.24
C HIS A 20 14.02 0.04 -28.66
N MET A 21 14.03 -0.99 -27.79
CA MET A 21 14.56 -2.34 -28.07
C MET A 21 13.47 -3.38 -27.71
N GLN A 22 13.17 -4.30 -28.63
CA GLN A 22 12.12 -5.35 -28.47
C GLN A 22 12.75 -6.69 -28.07
N TYR A 23 11.94 -7.54 -27.46
CA TYR A 23 12.32 -8.90 -27.04
C TYR A 23 11.23 -9.85 -27.54
N SER A 24 11.61 -10.82 -28.37
CA SER A 24 10.74 -11.96 -28.79
C SER A 24 10.49 -12.86 -27.58
N ILE A 25 9.38 -13.60 -27.61
CA ILE A 25 8.98 -14.50 -26.50
C ILE A 25 10.14 -15.47 -26.24
N GLU A 26 10.91 -15.84 -27.28
CA GLU A 26 12.01 -16.84 -27.21
C GLU A 26 13.20 -16.28 -26.43
N LYS A 27 13.55 -15.01 -26.62
CA LYS A 27 14.62 -14.32 -25.85
C LYS A 27 14.17 -14.13 -24.38
N LEU A 28 12.90 -13.74 -24.17
CA LEU A 28 12.34 -13.57 -22.80
C LEU A 28 12.42 -14.91 -22.04
N LYS A 29 12.06 -16.03 -22.68
CA LYS A 29 12.00 -17.37 -22.03
C LYS A 29 13.39 -17.79 -21.52
N LYS A 30 14.47 -17.13 -21.96
CA LYS A 30 15.87 -17.41 -21.55
C LYS A 30 16.35 -16.49 -20.42
N GLU A 31 15.67 -15.37 -20.14
CA GLU A 31 15.93 -14.47 -18.97
C GLU A 31 15.32 -15.10 -17.72
N GLU A 32 15.83 -14.76 -16.53
CA GLU A 32 15.26 -15.19 -15.22
C GLU A 32 13.85 -14.61 -15.07
N ASN A 33 12.96 -15.31 -14.38
CA ASN A 33 11.63 -14.80 -13.96
C ASN A 33 11.86 -13.54 -13.10
N SER A 34 11.13 -12.46 -13.38
CA SER A 34 11.22 -11.13 -12.72
C SER A 34 10.10 -10.24 -13.23
N LEU A 35 9.80 -9.15 -12.54
CA LEU A 35 8.80 -8.16 -13.00
C LEU A 35 9.20 -7.58 -14.37
N ALA A 36 10.49 -7.46 -14.68
CA ALA A 36 10.97 -6.95 -15.99
C ALA A 36 10.48 -7.89 -17.09
N LYS A 37 10.75 -9.18 -16.91
CA LYS A 37 10.34 -10.26 -17.83
C LYS A 37 8.82 -10.25 -17.96
N ASP A 38 8.10 -10.15 -16.83
CA ASP A 38 6.62 -10.05 -16.86
C ASP A 38 6.19 -8.84 -17.70
N TYR A 39 6.83 -7.68 -17.50
CA TYR A 39 6.50 -6.43 -18.21
C TYR A 39 6.55 -6.68 -19.73
N TYR A 40 7.64 -7.31 -20.20
CA TYR A 40 7.91 -7.53 -21.63
C TYR A 40 7.01 -8.64 -22.20
N ILE A 41 6.57 -9.60 -21.38
CA ILE A 41 5.55 -10.60 -21.79
C ILE A 41 4.22 -9.86 -21.95
N TYR A 42 3.89 -8.99 -21.02
CA TYR A 42 2.62 -8.21 -21.06
C TYR A 42 2.60 -7.34 -22.33
N ARG A 43 3.74 -6.79 -22.73
CA ARG A 43 3.82 -5.94 -23.95
C ARG A 43 3.53 -6.80 -25.18
N LEU A 44 4.01 -8.02 -25.22
CA LEU A 44 3.70 -8.93 -26.34
C LEU A 44 2.20 -9.21 -26.33
N LEU A 45 1.64 -9.58 -25.18
CA LEU A 45 0.20 -9.93 -25.07
C LEU A 45 -0.68 -8.76 -25.53
N GLU A 46 -0.33 -7.51 -25.21
CA GLU A 46 -1.26 -6.38 -25.47
C GLU A 46 -1.17 -6.02 -26.97
N LYS A 47 -0.08 -6.40 -27.65
CA LYS A 47 0.08 -6.26 -29.13
C LYS A 47 -0.31 -7.55 -29.86
N ASN A 48 -0.90 -8.54 -29.19
CA ASN A 48 -1.47 -9.78 -29.78
C ASN A 48 -0.36 -10.62 -30.45
N LYS A 49 0.86 -10.60 -29.91
CA LYS A 49 2.04 -11.25 -30.51
C LYS A 49 2.28 -12.61 -29.83
N ILE A 50 1.45 -13.03 -28.88
CA ILE A 50 1.56 -14.38 -28.23
C ILE A 50 0.52 -15.31 -28.87
N SER A 51 0.96 -16.28 -29.65
CA SER A 51 0.13 -17.35 -30.28
C SER A 51 -0.38 -18.29 -29.19
N LYS A 52 -1.44 -19.05 -29.48
CA LYS A 52 -1.93 -20.14 -28.59
C LYS A 52 -0.77 -21.12 -28.34
N LYS A 53 0.04 -21.42 -29.35
CA LYS A 53 1.23 -22.30 -29.22
C LYS A 53 2.24 -21.72 -28.21
N ASP A 54 2.64 -20.44 -28.34
CA ASP A 54 3.60 -19.75 -27.45
C ASP A 54 3.07 -19.76 -26.00
N ALA A 55 1.76 -19.57 -25.85
CA ALA A 55 1.08 -19.43 -24.54
C ALA A 55 1.07 -20.74 -23.75
N GLN A 56 1.40 -21.92 -24.34
CA GLN A 56 1.14 -23.22 -23.66
C GLN A 56 1.88 -23.26 -22.32
N ASP A 57 3.21 -23.12 -22.30
CA ASP A 57 4.02 -23.33 -21.08
C ASP A 57 4.19 -22.02 -20.27
N LEU A 58 3.43 -20.97 -20.58
CA LEU A 58 3.85 -19.57 -20.28
C LEU A 58 3.70 -19.25 -18.79
N ASN A 59 2.72 -19.84 -18.08
CA ASN A 59 2.46 -19.70 -16.62
C ASN A 59 3.74 -19.75 -15.77
N SER A 60 4.70 -20.61 -16.15
CA SER A 60 5.95 -20.90 -15.39
C SER A 60 7.09 -19.94 -15.79
N HIS A 61 6.82 -18.99 -16.67
CA HIS A 61 7.76 -17.89 -17.05
C HIS A 61 7.30 -16.55 -16.44
N ILE A 62 6.22 -16.54 -15.67
CA ILE A 62 5.62 -15.32 -15.08
C ILE A 62 5.91 -15.27 -13.57
N PHE A 63 6.65 -14.25 -13.13
CA PHE A 63 7.10 -14.00 -11.73
C PHE A 63 5.89 -13.76 -10.83
N ARG A 64 4.91 -12.96 -11.27
CA ARG A 64 3.77 -12.56 -10.43
C ARG A 64 2.50 -12.61 -11.28
N TYR A 65 1.75 -13.71 -11.18
CA TYR A 65 0.61 -14.10 -12.06
C TYR A 65 -0.66 -13.51 -11.46
N ILE A 66 -0.75 -12.18 -11.49
CA ILE A 66 -1.87 -11.41 -10.90
C ILE A 66 -2.18 -10.22 -11.83
N GLY A 67 -3.46 -9.83 -11.92
CA GLY A 67 -3.89 -8.61 -12.60
C GLY A 67 -3.86 -8.80 -14.09
N LYS A 68 -3.42 -7.77 -14.85
CA LYS A 68 -3.70 -7.65 -16.29
C LYS A 68 -3.04 -8.81 -17.05
N ILE A 69 -1.81 -9.20 -16.67
CA ILE A 69 -1.06 -10.25 -17.39
C ILE A 69 -1.83 -11.58 -17.30
N LYS A 70 -2.52 -11.83 -16.20
CA LYS A 70 -3.29 -13.07 -15.96
C LYS A 70 -4.59 -13.04 -16.78
N SER A 71 -5.38 -11.97 -16.69
CA SER A 71 -6.64 -11.85 -17.46
C SER A 71 -6.33 -11.83 -18.98
N GLU A 72 -5.12 -11.40 -19.36
CA GLU A 72 -4.70 -11.32 -20.78
C GLU A 72 -4.28 -12.73 -21.24
N LEU A 73 -3.57 -13.50 -20.41
CA LEU A 73 -3.13 -14.86 -20.80
C LEU A 73 -4.36 -15.78 -20.90
N GLU A 74 -5.40 -15.53 -20.09
CA GLU A 74 -6.60 -16.40 -19.95
C GLU A 74 -7.62 -16.08 -21.04
N LYS A 75 -7.41 -15.02 -21.81
CA LYS A 75 -8.16 -14.74 -23.05
C LYS A 75 -7.70 -15.76 -24.10
N ILE A 76 -6.43 -16.15 -24.04
CA ILE A 76 -5.82 -17.12 -25.00
C ILE A 76 -6.05 -18.54 -24.47
N ILE A 77 -5.48 -18.89 -23.31
CA ILE A 77 -5.64 -20.21 -22.63
C ILE A 77 -6.44 -20.05 -21.34
N PRO A 78 -7.79 -20.18 -21.39
CA PRO A 78 -8.64 -20.04 -20.21
C PRO A 78 -8.22 -21.07 -19.14
N LEU A 79 -8.23 -20.67 -17.87
CA LEU A 79 -7.88 -21.56 -16.73
C LEU A 79 -9.18 -22.03 -16.08
N LYS A 80 -9.29 -23.32 -15.80
CA LYS A 80 -10.44 -23.94 -15.08
C LYS A 80 -10.13 -23.91 -13.59
N PRO A 81 -10.94 -23.19 -12.76
CA PRO A 81 -10.56 -22.91 -11.36
C PRO A 81 -10.26 -24.21 -10.57
N TYR A 82 -9.05 -24.34 -10.01
CA TYR A 82 -8.53 -25.58 -9.36
C TYR A 82 -9.55 -26.14 -8.36
N ILE A 83 -9.83 -27.45 -8.46
CA ILE A 83 -10.63 -28.27 -7.48
C ILE A 83 -9.78 -29.48 -7.09
N ASN A 84 -9.49 -29.62 -5.79
CA ASN A 84 -8.69 -30.72 -5.18
C ASN A 84 -9.29 -32.07 -5.59
N PRO A 85 -8.55 -32.94 -6.32
CA PRO A 85 -9.07 -34.25 -6.77
C PRO A 85 -9.79 -35.10 -5.72
N LYS A 86 -9.44 -34.94 -4.44
CA LYS A 86 -10.08 -35.65 -3.30
C LYS A 86 -11.57 -35.27 -3.24
N TYR A 87 -11.89 -34.00 -3.51
CA TYR A 87 -13.25 -33.42 -3.31
C TYR A 87 -14.02 -33.30 -4.64
N ALA A 88 -13.45 -33.76 -5.76
CA ALA A 88 -14.03 -33.63 -7.13
C ALA A 88 -15.51 -33.97 -7.11
N LYS A 89 -15.87 -35.10 -6.50
CA LYS A 89 -17.23 -35.70 -6.56
C LYS A 89 -18.17 -34.82 -5.73
N CYS A 90 -17.64 -34.12 -4.71
CA CYS A 90 -18.42 -33.23 -3.82
C CYS A 90 -19.01 -32.07 -4.62
N TYR A 91 -18.40 -31.67 -5.74
CA TYR A 91 -18.80 -30.51 -6.56
C TYR A 91 -19.74 -30.95 -7.71
N THR A 92 -20.12 -32.24 -7.81
CA THR A 92 -21.18 -32.72 -8.74
C THR A 92 -22.56 -32.56 -8.09
N TYR A 93 -22.62 -32.27 -6.78
CA TYR A 93 -23.90 -32.08 -6.07
C TYR A 93 -24.29 -30.60 -6.15
N THR A 94 -25.58 -30.33 -6.07
CA THR A 94 -26.12 -28.97 -5.94
C THR A 94 -26.99 -28.89 -4.70
N ALA A 95 -27.53 -27.72 -4.41
CA ALA A 95 -28.50 -27.44 -3.33
C ALA A 95 -29.67 -28.43 -3.33
N ASN A 96 -30.11 -28.90 -4.51
CA ASN A 96 -31.25 -29.85 -4.65
C ASN A 96 -30.82 -31.30 -4.32
N THR A 97 -29.54 -31.67 -4.44
CA THR A 97 -29.08 -33.07 -4.20
C THR A 97 -28.06 -33.20 -3.06
N ILE A 98 -27.84 -32.17 -2.23
CA ILE A 98 -26.73 -32.21 -1.21
C ILE A 98 -27.01 -33.30 -0.15
N LEU A 99 -28.28 -33.57 0.18
CA LEU A 99 -28.65 -34.63 1.16
C LEU A 99 -28.26 -36.05 0.67
N ASP A 100 -27.97 -36.25 -0.63
CA ASP A 100 -27.58 -37.58 -1.19
C ASP A 100 -26.06 -37.74 -1.11
N ALA A 101 -25.32 -36.72 -0.70
CA ALA A 101 -23.85 -36.78 -0.62
C ALA A 101 -23.42 -37.34 0.74
N ASN A 102 -22.24 -37.97 0.78
CA ASN A 102 -21.63 -38.49 2.02
C ASN A 102 -21.39 -37.29 2.97
N LEU A 103 -21.05 -37.55 4.24
CA LEU A 103 -20.94 -36.51 5.28
C LEU A 103 -19.73 -35.60 5.00
N THR A 104 -18.64 -36.15 4.47
CA THR A 104 -17.44 -35.34 4.10
C THR A 104 -17.87 -34.29 3.07
N CYS A 105 -18.51 -34.73 1.98
CA CYS A 105 -18.96 -33.85 0.87
C CYS A 105 -19.89 -32.76 1.43
N GLN A 106 -20.84 -33.15 2.28
CA GLN A 106 -21.77 -32.22 2.95
C GLN A 106 -20.95 -31.16 3.70
N SER A 107 -19.89 -31.52 4.40
CA SER A 107 -19.16 -30.55 5.26
C SER A 107 -18.26 -29.64 4.41
N VAL A 108 -17.64 -30.17 3.36
CA VAL A 108 -16.83 -29.38 2.37
C VAL A 108 -17.71 -28.31 1.71
N ARG A 109 -18.87 -28.67 1.16
CA ARG A 109 -19.73 -27.71 0.43
C ARG A 109 -20.18 -26.60 1.38
N LEU A 110 -20.35 -26.91 2.68
CA LEU A 110 -20.82 -25.95 3.69
C LEU A 110 -19.74 -24.94 4.11
N ASN A 111 -18.51 -25.04 3.56
CA ASN A 111 -17.49 -23.97 3.71
C ASN A 111 -17.97 -22.67 3.05
N SER A 112 -18.90 -22.73 2.10
CA SER A 112 -19.38 -21.56 1.33
C SER A 112 -20.68 -21.04 1.93
N LEU A 113 -20.71 -19.78 2.35
CA LEU A 113 -21.95 -19.18 2.90
C LEU A 113 -22.97 -19.00 1.76
N VAL A 114 -22.49 -18.77 0.54
CA VAL A 114 -23.38 -18.61 -0.65
C VAL A 114 -24.16 -19.91 -0.82
N PHE A 115 -23.46 -21.05 -0.78
CA PHE A 115 -24.07 -22.39 -0.84
C PHE A 115 -25.13 -22.50 0.25
N ILE A 116 -24.79 -22.15 1.50
CA ILE A 116 -25.72 -22.21 2.68
C ILE A 116 -26.94 -21.32 2.36
N ALA A 117 -26.71 -20.08 1.91
CA ALA A 117 -27.82 -19.15 1.54
C ALA A 117 -28.72 -19.79 0.47
N SER A 118 -28.16 -20.60 -0.44
CA SER A 118 -28.90 -21.21 -1.59
C SER A 118 -29.79 -22.36 -1.12
N LEU A 119 -29.49 -23.01 -0.01
CA LEU A 119 -30.26 -24.21 0.44
C LEU A 119 -31.66 -23.78 0.85
N ASN A 120 -32.63 -24.69 0.80
CA ASN A 120 -33.95 -24.39 1.37
C ASN A 120 -33.88 -24.59 2.90
N SER A 121 -34.78 -23.94 3.63
CA SER A 121 -34.72 -23.83 5.11
C SER A 121 -34.88 -25.21 5.77
N LYS A 122 -35.64 -26.12 5.18
CA LYS A 122 -35.86 -27.47 5.76
C LYS A 122 -34.55 -28.24 5.70
N ASP A 123 -33.78 -28.12 4.61
CA ASP A 123 -32.47 -28.82 4.45
C ASP A 123 -31.43 -28.13 5.37
N ARG A 124 -31.59 -26.86 5.72
CA ARG A 124 -30.67 -26.18 6.67
C ARG A 124 -30.94 -26.76 8.08
N THR A 125 -32.21 -26.93 8.46
CA THR A 125 -32.64 -27.53 9.76
C THR A 125 -32.06 -28.96 9.87
N THR A 126 -32.19 -29.77 8.83
CA THR A 126 -31.68 -31.17 8.77
C THR A 126 -30.16 -31.20 8.93
N LEU A 127 -29.45 -30.41 8.13
CA LEU A 127 -27.96 -30.40 8.21
C LEU A 127 -27.48 -29.81 9.57
N ALA A 128 -28.23 -28.87 10.15
CA ALA A 128 -27.90 -28.28 11.48
C ALA A 128 -27.88 -29.39 12.54
N GLN A 129 -28.92 -30.23 12.55
CA GLN A 129 -29.05 -31.41 13.45
C GLN A 129 -27.89 -32.35 13.18
N THR A 130 -27.56 -32.58 11.92
CA THR A 130 -26.55 -33.58 11.54
C THR A 130 -25.18 -33.18 12.10
N PHE A 131 -24.89 -31.88 12.13
CA PHE A 131 -23.51 -31.37 12.43
C PHE A 131 -23.41 -30.76 13.83
N LYS A 132 -24.47 -30.73 14.65
CA LYS A 132 -24.46 -30.04 16.00
C LYS A 132 -23.32 -30.55 16.88
N ASN A 133 -23.03 -31.85 16.79
CA ASN A 133 -22.08 -32.56 17.68
C ASN A 133 -20.63 -32.22 17.29
N GLN A 134 -20.16 -32.64 16.11
CA GLN A 134 -18.73 -32.52 15.72
C GLN A 134 -18.44 -31.17 15.01
N ARG A 135 -19.45 -30.44 14.49
CA ARG A 135 -19.23 -29.17 13.74
C ARG A 135 -20.30 -28.14 14.08
N PRO A 136 -20.35 -27.65 15.35
CA PRO A 136 -21.37 -26.68 15.77
C PRO A 136 -21.21 -25.31 15.09
N ASP A 137 -20.04 -25.02 14.53
CA ASP A 137 -19.81 -23.83 13.65
C ASP A 137 -20.79 -23.89 12.45
N LEU A 138 -20.93 -25.05 11.83
CA LEU A 138 -21.82 -25.22 10.66
C LEU A 138 -23.27 -25.10 11.13
N THR A 139 -23.62 -25.78 12.24
CA THR A 139 -24.96 -25.68 12.87
C THR A 139 -25.34 -24.20 13.06
N ASN A 140 -24.43 -23.38 13.60
CA ASN A 140 -24.71 -21.95 13.91
C ASN A 140 -25.01 -21.21 12.61
N LEU A 141 -24.22 -21.44 11.56
CA LEU A 141 -24.41 -20.71 10.26
C LEU A 141 -25.69 -21.19 9.56
N LEU A 142 -25.98 -22.50 9.59
CA LEU A 142 -27.21 -23.07 8.96
C LEU A 142 -28.43 -22.51 9.67
N LEU A 143 -28.45 -22.54 10.99
CA LEU A 143 -29.62 -22.03 11.72
C LEU A 143 -29.70 -20.51 11.56
N ALA A 144 -28.59 -19.81 11.33
CA ALA A 144 -28.59 -18.33 11.20
C ALA A 144 -29.30 -17.91 9.91
N PHE A 145 -28.99 -18.60 8.81
CA PHE A 145 -29.61 -18.32 7.48
C PHE A 145 -31.09 -18.73 7.42
N ASN A 146 -31.63 -19.46 8.41
CA ASN A 146 -33.09 -19.70 8.56
C ASN A 146 -33.77 -18.52 9.25
N THR A 147 -33.04 -17.43 9.54
CA THR A 147 -33.60 -16.18 10.15
C THR A 147 -33.48 -15.05 9.14
N SER A 148 -34.21 -13.95 9.37
CA SER A 148 -34.14 -12.74 8.52
C SER A 148 -32.86 -11.93 8.81
N ASP A 149 -32.11 -12.23 9.87
CA ASP A 149 -30.84 -11.53 10.25
C ASP A 149 -29.82 -12.55 10.74
N PRO A 150 -29.05 -13.17 9.82
CA PRO A 150 -28.05 -14.14 10.22
C PRO A 150 -27.01 -13.57 11.20
N MET A 151 -26.67 -12.28 11.07
CA MET A 151 -25.59 -11.64 11.85
C MET A 151 -26.03 -11.58 13.32
N SER A 152 -27.27 -11.18 13.57
CA SER A 152 -27.83 -11.07 14.93
C SER A 152 -27.82 -12.44 15.61
N TYR A 153 -28.02 -13.53 14.86
CA TYR A 153 -28.03 -14.90 15.42
C TYR A 153 -26.60 -15.30 15.81
N ILE A 154 -25.65 -15.00 14.93
CA ILE A 154 -24.23 -15.38 15.13
C ILE A 154 -23.68 -14.59 16.30
N VAL A 155 -24.03 -13.31 16.40
CA VAL A 155 -23.57 -12.44 17.52
C VAL A 155 -24.13 -12.98 18.85
N GLN A 156 -25.38 -13.45 18.87
CA GLN A 156 -26.01 -13.99 20.10
C GLN A 156 -25.21 -15.23 20.53
N LYS A 157 -24.74 -16.05 19.59
CA LYS A 157 -23.89 -17.23 19.92
C LYS A 157 -22.46 -16.82 20.30
N GLU A 158 -22.06 -15.57 20.09
CA GLU A 158 -20.66 -15.13 20.27
C GLU A 158 -19.76 -16.09 19.49
N ASP A 159 -20.21 -16.55 18.32
CA ASP A 159 -19.38 -17.38 17.42
C ASP A 159 -18.52 -16.42 16.58
N ILE A 160 -17.26 -16.28 16.96
CA ILE A 160 -16.27 -15.34 16.38
C ILE A 160 -15.89 -15.81 14.96
N ASN A 161 -15.66 -17.09 14.72
CA ASN A 161 -15.33 -17.55 13.35
C ASN A 161 -16.52 -17.26 12.43
N GLY A 162 -17.74 -17.51 12.87
CA GLY A 162 -18.97 -17.23 12.10
C GLY A 162 -19.10 -15.76 11.79
N PHE A 163 -18.77 -14.91 12.76
CA PHE A 163 -18.87 -13.44 12.62
C PHE A 163 -18.06 -13.01 11.39
N PHE A 164 -16.81 -13.44 11.29
CA PHE A 164 -15.87 -13.01 10.21
C PHE A 164 -16.26 -13.65 8.87
N LYS A 165 -16.77 -14.88 8.87
CA LYS A 165 -17.23 -15.57 7.63
C LYS A 165 -18.42 -14.77 7.08
N LEU A 166 -19.29 -14.28 7.95
CA LEU A 166 -20.48 -13.46 7.57
C LEU A 166 -20.05 -12.10 7.04
N TYR A 167 -19.18 -11.40 7.76
CA TYR A 167 -18.63 -10.09 7.35
C TYR A 167 -18.04 -10.21 5.94
N ASN A 168 -17.28 -11.28 5.70
CA ASN A 168 -16.64 -11.52 4.39
C ASN A 168 -17.69 -11.84 3.31
N TYR A 169 -18.76 -12.57 3.63
CA TYR A 169 -19.88 -12.84 2.71
C TYR A 169 -20.59 -11.53 2.35
N SER A 170 -20.90 -10.68 3.33
CA SER A 170 -21.56 -9.37 3.12
C SER A 170 -21.15 -8.33 4.14
N LYS A 171 -20.68 -7.20 3.63
CA LYS A 171 -20.32 -5.97 4.38
C LYS A 171 -21.57 -5.23 4.87
N LYS A 172 -22.77 -5.65 4.44
CA LYS A 172 -24.02 -4.87 4.72
C LYS A 172 -24.53 -5.17 6.13
N TYR A 173 -24.24 -6.35 6.68
CA TYR A 173 -24.62 -6.66 8.10
C TYR A 173 -23.99 -5.57 8.98
N ASP A 174 -24.82 -4.99 9.83
CA ASP A 174 -24.41 -4.07 10.92
C ASP A 174 -25.31 -4.30 12.13
N LEU A 175 -24.70 -4.32 13.30
CA LEU A 175 -25.37 -4.55 14.60
C LEU A 175 -24.49 -4.00 15.73
N ASP A 176 -25.08 -3.58 16.84
CA ASP A 176 -24.30 -3.24 18.05
C ASP A 176 -23.69 -4.53 18.61
N LEU A 177 -22.44 -4.47 19.09
CA LEU A 177 -21.73 -5.59 19.74
C LEU A 177 -21.39 -5.17 21.17
N ASN A 178 -21.59 -6.05 22.13
CA ASN A 178 -21.37 -5.68 23.54
C ASN A 178 -19.89 -5.82 23.89
N THR A 179 -19.53 -5.44 25.11
CA THR A 179 -18.13 -5.31 25.55
C THR A 179 -17.44 -6.67 25.43
N SER A 180 -18.04 -7.72 25.98
CA SER A 180 -17.53 -9.10 25.93
C SER A 180 -17.21 -9.50 24.48
N LEU A 181 -18.13 -9.27 23.54
CA LEU A 181 -17.94 -9.75 22.14
C LEU A 181 -16.85 -8.97 21.42
N VAL A 182 -16.82 -7.64 21.50
CA VAL A 182 -15.82 -6.85 20.71
C VAL A 182 -14.42 -7.17 21.21
N ASN A 183 -14.26 -7.48 22.50
CA ASN A 183 -12.94 -7.80 23.11
C ASN A 183 -12.46 -9.20 22.67
N LYS A 184 -13.33 -10.02 22.07
CA LYS A 184 -12.94 -11.32 21.45
C LYS A 184 -12.48 -11.15 20.00
N LEU A 185 -12.88 -10.08 19.30
CA LEU A 185 -12.63 -9.95 17.83
C LEU A 185 -11.13 -9.84 17.55
N PRO A 186 -10.32 -9.09 18.33
CA PRO A 186 -8.90 -8.86 18.00
C PRO A 186 -8.05 -10.14 17.95
N ASN A 187 -8.52 -11.21 18.57
CA ASN A 187 -7.80 -12.49 18.62
C ASN A 187 -7.93 -13.22 17.27
N HIS A 188 -8.80 -12.78 16.33
CA HIS A 188 -9.00 -13.46 15.01
C HIS A 188 -8.16 -12.75 13.95
N ILE A 189 -7.58 -13.50 12.99
CA ILE A 189 -6.68 -12.98 11.90
C ILE A 189 -7.38 -11.84 11.14
N GLY A 190 -8.69 -11.94 10.92
CA GLY A 190 -9.49 -11.01 10.10
C GLY A 190 -9.68 -9.64 10.74
N PHE A 191 -9.38 -9.51 12.04
CA PHE A 191 -9.70 -8.28 12.80
C PHE A 191 -8.99 -7.06 12.17
N LYS A 192 -7.75 -7.22 11.71
CA LYS A 192 -6.95 -6.08 11.19
C LYS A 192 -7.70 -5.39 10.05
N ASP A 193 -7.98 -6.14 9.00
CA ASP A 193 -8.63 -5.61 7.77
C ASP A 193 -10.03 -5.08 8.11
N PHE A 194 -10.77 -5.81 8.94
CA PHE A 194 -12.14 -5.45 9.37
C PHE A 194 -12.13 -4.04 9.99
N ALA A 195 -11.30 -3.83 11.01
CA ALA A 195 -11.24 -2.54 11.75
C ALA A 195 -10.78 -1.43 10.79
N GLN A 196 -9.77 -1.70 10.00
CA GLN A 196 -9.19 -0.71 9.07
C GLN A 196 -10.28 -0.29 8.08
N ASN A 197 -10.93 -1.26 7.43
CA ASN A 197 -11.87 -0.96 6.31
C ASN A 197 -13.08 -0.21 6.85
N ILE A 198 -13.66 -0.62 7.98
CA ILE A 198 -14.91 0.05 8.45
C ILE A 198 -14.59 1.44 8.99
N ILE A 199 -13.42 1.68 9.60
CA ILE A 199 -13.05 3.02 10.13
C ILE A 199 -12.72 3.96 8.95
N ILE A 200 -11.84 3.55 8.05
CA ILE A 200 -11.41 4.41 6.90
C ILE A 200 -12.62 4.64 5.97
N LYS A 201 -13.42 3.61 5.66
CA LYS A 201 -14.55 3.75 4.71
C LYS A 201 -15.78 4.39 5.37
N LYS A 202 -15.80 4.50 6.70
CA LYS A 202 -16.94 5.08 7.49
C LYS A 202 -18.22 4.31 7.17
N GLU A 203 -18.13 2.99 7.20
CA GLU A 203 -19.25 2.03 7.01
C GLU A 203 -19.54 1.34 8.35
N ASN A 204 -20.63 0.61 8.42
CA ASN A 204 -21.01 -0.21 9.60
C ASN A 204 -20.95 0.64 10.86
N PRO A 205 -21.76 1.72 10.98
CA PRO A 205 -21.70 2.63 12.11
C PRO A 205 -21.85 1.95 13.49
N LYS A 206 -22.58 0.84 13.58
CA LYS A 206 -22.86 0.17 14.87
C LYS A 206 -21.64 -0.65 15.28
N PHE A 207 -21.03 -1.34 14.33
CA PHE A 207 -19.71 -1.99 14.55
C PHE A 207 -18.73 -0.92 15.05
N ARG A 208 -18.66 0.19 14.34
CA ARG A 208 -17.67 1.27 14.63
C ARG A 208 -17.87 1.78 16.06
N HIS A 209 -19.10 2.17 16.40
CA HIS A 209 -19.46 2.65 17.75
C HIS A 209 -19.08 1.57 18.78
N SER A 210 -19.32 0.31 18.46
CA SER A 210 -19.10 -0.80 19.40
C SER A 210 -17.59 -0.93 19.72
N MET A 211 -16.72 -0.53 18.79
CA MET A 211 -15.25 -0.74 18.97
C MET A 211 -14.64 0.31 19.91
N LEU A 212 -15.43 1.29 20.38
CA LEU A 212 -15.03 2.21 21.48
C LEU A 212 -14.74 1.42 22.76
N GLU A 213 -15.40 0.28 22.98
CA GLU A 213 -15.27 -0.51 24.23
C GLU A 213 -14.19 -1.61 24.11
N ILE A 214 -13.40 -1.66 23.05
CA ILE A 214 -12.26 -2.62 23.04
C ILE A 214 -11.24 -2.12 24.07
N ASN A 215 -10.82 -2.99 24.97
CA ASN A 215 -9.70 -2.76 25.91
C ASN A 215 -8.42 -2.58 25.10
N PRO A 216 -7.69 -1.46 25.26
CA PRO A 216 -6.39 -1.28 24.59
C PRO A 216 -5.42 -2.42 24.92
N GLU A 217 -5.57 -3.02 26.11
CA GLU A 217 -4.81 -4.23 26.52
C GLU A 217 -4.94 -5.33 25.46
N ASN A 218 -6.04 -5.39 24.70
CA ASN A 218 -6.33 -6.57 23.83
C ASN A 218 -5.91 -6.34 22.38
N VAL A 219 -5.38 -5.15 22.04
CA VAL A 219 -4.98 -4.80 20.64
C VAL A 219 -3.58 -4.21 20.67
N SER A 220 -2.97 -4.11 19.48
CA SER A 220 -1.60 -3.56 19.33
C SER A 220 -1.38 -3.07 17.91
N GLU A 221 -0.29 -2.36 17.70
CA GLU A 221 0.24 -2.00 16.36
C GLU A 221 -0.85 -1.28 15.58
N ASP A 222 -1.04 -1.61 14.29
CA ASP A 222 -1.97 -0.94 13.35
C ASP A 222 -3.38 -0.88 13.97
N SER A 223 -3.86 -1.98 14.54
CA SER A 223 -5.24 -2.07 15.06
C SER A 223 -5.44 -1.07 16.21
N ALA A 224 -4.46 -0.98 17.11
CA ALA A 224 -4.52 -0.02 18.22
C ALA A 224 -4.61 1.38 17.62
N PHE A 225 -3.78 1.69 16.64
CA PHE A 225 -3.72 3.03 16.01
C PHE A 225 -5.09 3.37 15.38
N TYR A 226 -5.68 2.46 14.60
CA TYR A 226 -6.95 2.77 13.91
C TYR A 226 -8.06 2.91 14.94
N LEU A 227 -7.99 2.16 16.04
CA LEU A 227 -8.98 2.27 17.14
C LEU A 227 -8.83 3.63 17.83
N GLY A 228 -7.62 4.21 17.81
CA GLY A 228 -7.39 5.59 18.26
C GLY A 228 -8.08 6.58 17.34
N VAL A 229 -7.89 6.42 16.02
CA VAL A 229 -8.53 7.30 14.98
C VAL A 229 -10.06 7.21 15.12
N ASN A 230 -10.58 6.00 15.32
CA ASN A 230 -12.02 5.73 15.59
C ASN A 230 -12.49 6.51 16.83
N ALA A 231 -11.82 6.37 17.96
CA ALA A 231 -12.18 7.13 19.18
C ALA A 231 -12.23 8.63 18.85
N LEU A 232 -11.27 9.17 18.10
CA LEU A 232 -11.28 10.62 17.79
C LEU A 232 -12.56 10.99 17.03
N THR A 233 -13.05 10.15 16.10
CA THR A 233 -14.23 10.50 15.25
C THR A 233 -15.49 10.63 16.13
N TYR A 234 -15.51 10.02 17.32
CA TYR A 234 -16.61 10.12 18.31
C TYR A 234 -16.26 11.10 19.44
N ASP A 235 -15.24 11.94 19.26
CA ASP A 235 -14.70 12.88 20.30
C ASP A 235 -14.53 12.18 21.66
N LYS A 236 -13.99 10.97 21.68
CA LYS A 236 -13.60 10.23 22.90
C LYS A 236 -12.07 10.34 23.05
N THR A 237 -11.59 11.50 23.49
CA THR A 237 -10.15 11.86 23.46
C THR A 237 -9.38 10.98 24.45
N GLU A 238 -9.96 10.64 25.61
CA GLU A 238 -9.33 9.76 26.63
C GLU A 238 -9.12 8.36 26.04
N LEU A 239 -10.16 7.75 25.45
CA LEU A 239 -10.02 6.40 24.81
C LEU A 239 -9.01 6.50 23.67
N ALA A 240 -8.99 7.61 22.92
CA ALA A 240 -8.08 7.76 21.77
C ALA A 240 -6.64 7.71 22.28
N TYR A 241 -6.30 8.53 23.28
CA TYR A 241 -4.93 8.64 23.83
C TYR A 241 -4.46 7.23 24.20
N ASP A 242 -5.33 6.46 24.85
CA ASP A 242 -4.99 5.13 25.42
C ASP A 242 -4.68 4.18 24.27
N PHE A 243 -5.43 4.26 23.17
CA PHE A 243 -5.21 3.42 21.97
C PHE A 243 -3.89 3.84 21.35
N PHE A 244 -3.67 5.15 21.21
CA PHE A 244 -2.47 5.66 20.50
C PHE A 244 -1.24 5.28 21.34
N LYS A 245 -1.38 5.31 22.67
CA LYS A 245 -0.26 4.99 23.57
C LYS A 245 0.12 3.53 23.38
N LYS A 246 -0.87 2.64 23.31
CA LYS A 246 -0.63 1.18 23.14
C LYS A 246 0.05 0.96 21.78
N ALA A 247 -0.37 1.70 20.77
CA ALA A 247 0.23 1.68 19.42
C ALA A 247 1.70 2.10 19.51
N ALA A 248 1.98 3.24 20.17
CA ALA A 248 3.35 3.73 20.42
C ALA A 248 4.19 2.64 21.07
N GLN A 249 3.66 1.95 22.08
CA GLN A 249 4.44 0.92 22.82
C GLN A 249 4.71 -0.31 21.95
N SER A 250 3.79 -0.72 21.06
CA SER A 250 3.81 -2.05 20.40
C SER A 250 4.34 -2.01 18.96
N PHE A 251 4.22 -0.88 18.26
CA PHE A 251 4.60 -0.77 16.82
C PHE A 251 6.06 -1.17 16.64
N LYS A 252 6.40 -1.86 15.55
CA LYS A 252 7.78 -2.34 15.29
C LYS A 252 8.63 -1.16 14.77
N SER A 253 8.14 -0.41 13.77
CA SER A 253 8.94 0.63 13.07
C SER A 253 8.85 1.96 13.84
N GLN A 254 9.98 2.66 13.95
CA GLN A 254 10.11 3.94 14.70
C GLN A 254 9.19 4.99 14.06
N SER A 255 9.04 4.93 12.74
CA SER A 255 8.21 5.86 11.95
C SER A 255 6.73 5.76 12.37
N ASN A 256 6.22 4.55 12.59
CA ASN A 256 4.84 4.30 13.07
C ASN A 256 4.74 4.71 14.55
N LYS A 257 5.74 4.42 15.38
CA LYS A 257 5.76 4.89 16.80
C LYS A 257 5.62 6.42 16.82
N ASP A 258 6.38 7.11 15.98
CA ASP A 258 6.39 8.60 15.91
C ASP A 258 4.98 9.11 15.62
N ASN A 259 4.28 8.44 14.70
CA ASN A 259 2.91 8.82 14.28
C ASN A 259 1.99 8.69 15.50
N ALA A 260 2.09 7.60 16.25
CA ALA A 260 1.29 7.33 17.47
C ALA A 260 1.62 8.35 18.56
N ILE A 261 2.91 8.61 18.79
CA ILE A 261 3.39 9.56 19.84
C ILE A 261 2.90 10.97 19.48
N PHE A 262 2.95 11.35 18.20
CA PHE A 262 2.37 12.64 17.76
C PHE A 262 0.92 12.74 18.24
N TRP A 263 0.12 11.68 18.06
CA TRP A 263 -1.31 11.73 18.47
C TRP A 263 -1.41 11.85 20.00
N MET A 264 -0.58 11.13 20.76
CA MET A 264 -0.55 11.26 22.25
C MET A 264 -0.31 12.74 22.58
N TRP A 265 0.64 13.35 21.88
CA TRP A 265 0.98 14.76 22.13
C TRP A 265 -0.23 15.66 21.80
N LEU A 266 -0.76 15.58 20.60
CA LEU A 266 -1.83 16.48 20.10
C LEU A 266 -3.06 16.42 21.00
N ILE A 267 -3.38 15.24 21.55
CA ILE A 267 -4.58 15.01 22.40
C ILE A 267 -4.33 15.50 23.81
N LYS A 268 -3.23 15.10 24.45
CA LYS A 268 -3.04 15.35 25.92
C LYS A 268 -1.92 16.35 26.22
N ASN A 269 -1.14 16.82 25.24
CA ASN A 269 -0.15 17.94 25.38
C ASN A 269 0.91 17.70 26.47
N ASN A 270 1.31 16.47 26.72
CA ASN A 270 2.44 16.18 27.64
C ASN A 270 3.74 16.47 26.89
N GLU A 271 4.55 17.39 27.41
CA GLU A 271 5.79 17.86 26.72
C GLU A 271 6.85 16.76 26.71
N GLU A 272 6.77 15.73 27.56
CA GLU A 272 7.68 14.54 27.42
C GLU A 272 7.41 13.78 26.11
N ASP A 273 6.17 13.71 25.63
CA ASP A 273 5.83 12.99 24.37
C ASP A 273 6.49 13.74 23.21
N LEU A 274 6.37 15.06 23.19
CA LEU A 274 6.92 15.88 22.08
C LEU A 274 8.43 15.84 22.11
N LYS A 275 9.02 15.86 23.30
CA LYS A 275 10.49 15.76 23.44
C LYS A 275 10.92 14.45 22.81
N THR A 276 10.30 13.33 23.21
CA THR A 276 10.63 11.97 22.72
C THR A 276 10.52 11.93 21.18
N LEU A 277 9.50 12.59 20.62
CA LEU A 277 9.28 12.64 19.15
C LEU A 277 10.36 13.49 18.48
N SER A 278 10.78 14.62 19.08
CA SER A 278 11.82 15.51 18.51
C SER A 278 13.19 14.81 18.48
N GLN A 279 13.40 13.81 19.34
CA GLN A 279 14.70 13.09 19.47
C GLN A 279 14.73 11.83 18.60
N SER A 280 13.67 11.53 17.85
CA SER A 280 13.53 10.29 17.04
C SER A 280 14.63 10.19 15.96
N SER A 281 15.16 8.99 15.77
CA SER A 281 16.12 8.65 14.69
C SER A 281 15.38 8.48 13.35
N SER A 282 14.06 8.35 13.33
CA SER A 282 13.28 8.32 12.07
C SER A 282 13.01 9.74 11.58
N LEU A 283 13.28 9.98 10.29
CA LEU A 283 12.96 11.24 9.60
C LEU A 283 11.58 11.11 8.93
N ASN A 284 10.58 11.81 9.45
CA ASN A 284 9.19 11.67 8.96
C ASN A 284 8.49 12.98 9.33
N ILE A 285 7.29 13.21 8.84
CA ILE A 285 6.65 14.55 9.03
C ILE A 285 6.42 14.82 10.52
N TYR A 286 6.27 13.80 11.37
CA TYR A 286 5.93 13.96 12.80
C TYR A 286 7.20 14.38 13.56
N SER A 287 8.32 13.69 13.35
CA SER A 287 9.60 14.02 14.02
C SER A 287 10.08 15.39 13.53
N LEU A 288 9.97 15.69 12.24
CA LEU A 288 10.40 17.00 11.67
C LEU A 288 9.58 18.11 12.33
N TYR A 289 8.28 17.89 12.48
CA TYR A 289 7.36 18.87 13.08
C TYR A 289 7.77 19.11 14.53
N ALA A 290 8.05 18.05 15.28
CA ALA A 290 8.36 18.13 16.72
C ALA A 290 9.68 18.90 16.89
N LYS A 291 10.65 18.64 16.01
CA LYS A 291 11.96 19.34 16.01
C LYS A 291 11.73 20.83 15.81
N GLU A 292 10.82 21.21 14.91
CA GLU A 292 10.57 22.63 14.60
C GLU A 292 9.83 23.32 15.76
N LEU A 293 8.96 22.60 16.49
CA LEU A 293 8.20 23.15 17.63
C LEU A 293 9.13 23.35 18.85
N THR A 294 10.27 22.67 18.89
CA THR A 294 11.17 22.68 20.07
C THR A 294 12.47 23.39 19.71
N ASN A 295 12.53 24.07 18.56
CA ASN A 295 13.77 24.74 18.07
C ASN A 295 14.97 23.77 18.11
N THR A 296 14.74 22.49 17.84
CA THR A 296 15.79 21.45 17.65
C THR A 296 16.34 21.60 16.23
N PRO A 297 17.67 21.49 16.02
CA PRO A 297 18.27 21.54 14.69
C PRO A 297 17.79 20.45 13.70
N PHE A 298 17.76 20.82 12.42
CA PHE A 298 17.33 19.94 11.31
C PHE A 298 18.24 18.72 11.31
N PRO A 299 17.71 17.49 11.10
CA PRO A 299 18.56 16.30 11.20
C PRO A 299 19.73 16.32 10.20
N LYS A 300 20.75 15.53 10.49
CA LYS A 300 21.95 15.32 9.65
C LYS A 300 21.55 14.55 8.39
N ILE A 301 21.88 15.09 7.23
CA ILE A 301 21.71 14.36 5.95
C ILE A 301 23.08 13.90 5.44
N GLU A 302 23.20 12.60 5.18
CA GLU A 302 24.42 12.00 4.59
C GLU A 302 24.72 12.68 3.26
N SER A 303 26.01 12.75 2.95
CA SER A 303 26.53 13.39 1.72
C SER A 303 27.28 12.34 0.92
N LEU A 304 26.69 11.90 -0.20
CA LEU A 304 27.27 10.87 -1.10
C LEU A 304 27.86 11.58 -2.31
N ASN A 305 29.19 11.56 -2.41
CA ASN A 305 29.93 12.22 -3.52
C ASN A 305 31.05 11.28 -3.96
N PRO A 306 30.76 10.27 -4.81
CA PRO A 306 31.81 9.40 -5.33
C PRO A 306 32.62 10.14 -6.40
N SER A 307 33.95 9.97 -6.41
CA SER A 307 34.89 10.57 -7.39
C SER A 307 34.78 9.81 -8.73
N LYS A 308 34.77 8.48 -8.68
CA LYS A 308 34.67 7.55 -9.86
C LYS A 308 33.46 7.95 -10.73
N LYS A 309 33.63 7.94 -12.06
CA LYS A 309 32.65 8.48 -13.04
C LYS A 309 31.60 7.40 -13.41
N LYS A 310 32.05 6.24 -13.92
CA LYS A 310 31.20 5.13 -14.46
C LYS A 310 31.74 3.78 -13.97
N ASN A 311 31.02 2.68 -14.25
CA ASN A 311 31.56 1.30 -14.20
C ASN A 311 30.94 0.48 -15.34
N ASN A 312 31.13 -0.84 -15.31
CA ASN A 312 30.80 -1.78 -16.41
C ASN A 312 29.29 -2.05 -16.47
N PHE A 313 28.52 -1.56 -15.49
CA PHE A 313 27.06 -1.86 -15.32
C PHE A 313 26.24 -0.92 -16.20
N ASN A 314 25.23 -1.48 -16.88
CA ASN A 314 24.26 -0.74 -17.73
C ASN A 314 23.01 -0.38 -16.92
N MET A 315 22.91 0.89 -16.53
CA MET A 315 21.78 1.44 -15.74
C MET A 315 20.52 1.51 -16.60
N GLN A 316 20.60 1.23 -17.91
CA GLN A 316 19.40 1.30 -18.82
C GLN A 316 18.88 -0.10 -19.16
N ASP A 317 19.45 -1.14 -18.54
CA ASP A 317 19.04 -2.56 -18.73
C ASP A 317 18.15 -2.99 -17.57
N PRO A 318 16.81 -3.10 -17.78
CA PRO A 318 15.92 -3.47 -16.69
C PRO A 318 16.22 -4.86 -16.13
N PHE A 319 16.83 -5.73 -16.95
CA PHE A 319 17.13 -7.14 -16.61
C PHE A 319 18.33 -7.16 -15.66
N ALA A 320 19.35 -6.37 -15.95
CA ALA A 320 20.52 -6.17 -15.08
C ALA A 320 20.08 -5.62 -13.71
N TRP A 321 19.11 -4.70 -13.64
CA TRP A 321 18.65 -4.17 -12.33
C TRP A 321 18.01 -5.31 -11.53
N GLN A 322 17.02 -6.02 -12.09
CA GLN A 322 16.23 -7.05 -11.36
C GLN A 322 17.21 -8.07 -10.73
N LYS A 323 18.28 -8.40 -11.46
CA LYS A 323 19.31 -9.40 -11.06
C LYS A 323 20.20 -8.85 -9.93
N ILE A 324 20.74 -7.65 -10.09
CA ILE A 324 21.61 -7.03 -9.04
C ILE A 324 20.72 -6.66 -7.84
N ASN A 325 19.42 -6.39 -8.05
CA ASN A 325 18.51 -6.11 -6.91
C ASN A 325 18.47 -7.33 -6.02
N LYS A 326 18.29 -8.51 -6.62
CA LYS A 326 18.13 -9.77 -5.85
C LYS A 326 19.44 -10.05 -5.09
N GLN A 327 20.60 -9.90 -5.75
CA GLN A 327 21.95 -10.13 -5.15
C GLN A 327 22.12 -9.26 -3.90
N ILE A 328 21.75 -7.99 -3.97
CA ILE A 328 21.90 -7.03 -2.85
C ILE A 328 20.98 -7.43 -1.70
N ARG A 329 19.73 -7.85 -1.97
CA ARG A 329 18.75 -8.26 -0.90
C ARG A 329 19.34 -9.41 -0.08
N ASP A 330 20.06 -10.32 -0.74
CA ASP A 330 20.45 -11.67 -0.27
C ASP A 330 21.97 -11.71 -0.03
N ALA A 331 22.58 -10.62 0.42
CA ALA A 331 24.04 -10.49 0.58
C ALA A 331 24.37 -10.39 2.08
N ASN A 332 25.38 -11.17 2.52
CA ASN A 332 26.02 -11.00 3.86
C ASN A 332 26.91 -9.74 3.84
N ALA A 333 27.23 -9.21 5.02
CA ALA A 333 28.11 -8.03 5.23
C ALA A 333 29.29 -8.06 4.24
N SER A 334 29.92 -9.23 4.06
CA SER A 334 31.16 -9.44 3.26
C SER A 334 30.91 -9.09 1.78
N GLN A 335 29.81 -9.57 1.20
CA GLN A 335 29.46 -9.34 -0.22
C GLN A 335 28.99 -7.89 -0.41
N LEU A 336 28.29 -7.30 0.58
CA LEU A 336 27.84 -5.87 0.54
C LEU A 336 29.05 -4.92 0.42
N ASP A 337 30.12 -5.16 1.19
CA ASP A 337 31.32 -4.29 1.19
C ASP A 337 32.00 -4.40 -0.18
N VAL A 338 31.85 -5.53 -0.89
CA VAL A 338 32.39 -5.76 -2.26
C VAL A 338 31.51 -5.01 -3.29
N LEU A 339 30.19 -5.01 -3.08
CA LEU A 339 29.19 -4.34 -3.94
C LEU A 339 29.29 -2.83 -3.75
N ALA A 340 29.35 -2.33 -2.51
CA ALA A 340 29.60 -0.91 -2.17
C ALA A 340 30.75 -0.35 -3.01
N LYS A 341 31.88 -1.05 -3.07
CA LYS A 341 33.10 -0.62 -3.82
C LYS A 341 32.82 -0.67 -5.32
N GLU A 342 32.17 -1.73 -5.83
CA GLU A 342 31.94 -1.83 -7.31
C GLU A 342 31.10 -0.62 -7.75
N PHE A 343 30.07 -0.27 -6.97
CA PHE A 343 28.94 0.62 -7.38
C PHE A 343 29.12 2.05 -6.86
N ASP A 344 30.25 2.33 -6.17
CA ASP A 344 30.64 3.69 -5.71
C ASP A 344 31.11 4.54 -6.90
N THR A 345 30.19 4.92 -7.80
CA THR A 345 30.40 5.80 -8.98
C THR A 345 29.19 6.73 -9.12
N GLN A 346 29.35 7.84 -9.85
CA GLN A 346 28.27 8.82 -10.14
C GLN A 346 27.15 8.18 -10.99
N GLU A 347 27.51 7.38 -12.00
CA GLU A 347 26.52 6.75 -12.92
C GLU A 347 25.70 5.73 -12.11
N THR A 348 26.32 5.02 -11.14
CA THR A 348 25.61 4.02 -10.30
C THR A 348 25.23 4.57 -8.92
N LEU A 349 25.16 5.90 -8.73
CA LEU A 349 24.89 6.53 -7.40
C LEU A 349 23.63 5.96 -6.76
N PRO A 350 22.48 5.80 -7.49
CA PRO A 350 21.26 5.32 -6.87
C PRO A 350 21.42 3.89 -6.34
N ILE A 351 22.23 3.05 -7.02
CA ILE A 351 22.51 1.68 -6.52
C ILE A 351 23.44 1.75 -5.29
N TYR A 352 24.47 2.61 -5.31
CA TYR A 352 25.36 2.86 -4.15
C TYR A 352 24.52 3.19 -2.92
N ALA A 353 23.66 4.20 -3.03
CA ALA A 353 22.78 4.65 -1.92
C ALA A 353 21.95 3.48 -1.42
N TYR A 354 21.49 2.60 -2.32
CA TYR A 354 20.66 1.43 -1.95
C TYR A 354 21.50 0.42 -1.16
N ILE A 355 22.71 0.10 -1.63
CA ILE A 355 23.66 -0.80 -0.90
C ILE A 355 23.97 -0.20 0.48
N LEU A 356 24.32 1.09 0.58
CA LEU A 356 24.71 1.76 1.86
C LEU A 356 23.52 1.72 2.83
N GLU A 357 22.29 1.85 2.33
CA GLU A 357 21.07 1.82 3.19
C GLU A 357 21.01 0.46 3.92
N ARG A 358 21.21 -0.63 3.18
CA ARG A 358 21.22 -2.01 3.72
C ARG A 358 22.44 -2.23 4.63
N LYS A 359 23.58 -1.59 4.36
CA LYS A 359 24.87 -1.90 5.02
C LYS A 359 24.97 -1.22 6.39
N ASN A 360 24.29 -0.08 6.57
CA ASN A 360 24.19 0.65 7.87
C ASN A 360 22.87 0.31 8.54
N ASN A 361 22.32 -0.88 8.23
CA ASN A 361 21.16 -1.54 8.91
C ASN A 361 20.02 -0.54 9.09
N PHE A 362 19.88 0.39 8.13
CA PHE A 362 18.78 1.38 7.96
C PHE A 362 18.82 2.46 9.07
N LYS A 363 20.01 2.91 9.47
CA LYS A 363 20.20 3.89 10.59
C LYS A 363 20.40 5.32 10.07
N LYS A 364 20.90 5.51 8.84
CA LYS A 364 21.31 6.83 8.30
C LYS A 364 20.33 7.34 7.21
N HIS A 365 20.35 8.65 6.96
CA HIS A 365 19.42 9.38 6.05
C HIS A 365 20.12 9.68 4.73
N TYR A 366 19.71 9.00 3.64
CA TYR A 366 20.25 9.21 2.27
C TYR A 366 19.20 9.91 1.39
N PHE A 367 19.54 11.08 0.89
CA PHE A 367 18.67 11.90 0.03
C PHE A 367 19.51 12.33 -1.17
N ILE A 368 19.84 11.40 -2.04
CA ILE A 368 20.70 11.70 -3.23
C ILE A 368 19.93 12.57 -4.23
N MET A 369 20.68 13.22 -5.12
CA MET A 369 20.13 14.11 -6.18
C MET A 369 20.78 13.71 -7.51
N PRO A 370 20.52 12.50 -8.05
CA PRO A 370 21.23 12.06 -9.25
C PRO A 370 20.66 12.70 -10.53
N TYR A 371 21.45 12.66 -11.62
CA TYR A 371 21.11 13.24 -12.94
C TYR A 371 20.60 14.67 -12.74
N TYR A 372 21.28 15.43 -11.86
CA TYR A 372 20.88 16.78 -11.37
C TYR A 372 20.85 17.79 -12.53
N ASP A 373 21.75 17.63 -13.49
CA ASP A 373 21.84 18.51 -14.70
C ASP A 373 20.46 18.66 -15.35
N ASN A 374 19.62 17.64 -15.28
CA ASN A 374 18.29 17.64 -15.97
C ASN A 374 17.30 18.54 -15.22
N ILE A 375 17.52 18.88 -13.94
CA ILE A 375 16.53 19.70 -13.17
C ILE A 375 17.09 21.03 -12.62
N LYS A 376 18.39 21.30 -12.68
CA LYS A 376 19.03 22.49 -12.04
C LYS A 376 18.49 23.84 -12.60
N ASP A 377 17.81 23.86 -13.76
CA ASP A 377 17.26 25.09 -14.37
C ASP A 377 15.81 25.34 -13.93
N TYR A 378 15.14 24.38 -13.28
CA TYR A 378 13.80 24.61 -12.66
C TYR A 378 14.04 25.34 -11.34
N ASN A 379 13.04 26.06 -10.84
CA ASN A 379 13.14 26.75 -9.53
C ASN A 379 13.35 25.68 -8.43
N LYS A 380 13.83 26.08 -7.27
CA LYS A 380 14.33 25.16 -6.21
C LYS A 380 13.17 24.38 -5.58
N THR A 381 11.97 24.97 -5.51
CA THR A 381 10.73 24.36 -4.95
C THR A 381 10.34 23.17 -5.83
N ARG A 382 10.41 23.33 -7.16
CA ARG A 382 10.05 22.29 -8.15
C ARG A 382 11.10 21.17 -8.11
N GLN A 383 12.39 21.51 -8.01
CA GLN A 383 13.47 20.52 -7.90
C GLN A 383 13.10 19.58 -6.75
N ALA A 384 12.62 20.14 -5.65
CA ALA A 384 12.46 19.42 -4.38
C ALA A 384 11.28 18.45 -4.49
N LEU A 385 10.17 18.90 -5.05
CA LEU A 385 8.97 18.06 -5.27
C LEU A 385 9.34 16.89 -6.20
N ILE A 386 10.04 17.16 -7.31
CA ILE A 386 10.51 16.12 -8.27
C ILE A 386 11.35 15.11 -7.49
N LEU A 387 12.40 15.57 -6.81
CA LEU A 387 13.30 14.65 -6.07
C LEU A 387 12.49 13.86 -5.01
N ALA A 388 11.52 14.52 -4.38
CA ALA A 388 10.74 13.97 -3.26
C ALA A 388 9.96 12.77 -3.78
N ILE A 389 9.35 12.93 -4.94
CA ILE A 389 8.49 11.91 -5.60
C ILE A 389 9.39 10.78 -6.08
N ALA A 390 10.51 11.10 -6.71
CA ALA A 390 11.43 10.12 -7.30
C ALA A 390 12.03 9.24 -6.19
N ARG A 391 12.34 9.82 -5.03
CA ARG A 391 12.96 9.08 -3.92
C ARG A 391 12.01 7.98 -3.42
N GLN A 392 10.72 8.31 -3.25
CA GLN A 392 9.65 7.39 -2.82
C GLN A 392 9.22 6.45 -3.98
N GLU A 393 9.18 6.93 -5.22
CA GLU A 393 8.64 6.14 -6.36
C GLU A 393 9.59 4.96 -6.64
N SER A 394 10.90 5.18 -6.64
CA SER A 394 11.91 4.27 -7.24
C SER A 394 13.25 4.24 -6.51
N ARG A 395 13.46 5.12 -5.53
CA ARG A 395 14.83 5.36 -4.99
C ARG A 395 15.77 5.70 -6.15
N PHE A 396 15.26 6.36 -7.18
CA PHE A 396 16.08 6.88 -8.31
C PHE A 396 16.61 5.74 -9.19
N ILE A 397 16.01 4.53 -9.12
CA ILE A 397 16.45 3.39 -9.99
C ILE A 397 15.87 3.64 -11.37
N PRO A 398 16.68 3.91 -12.41
CA PRO A 398 16.13 4.33 -13.70
C PRO A 398 15.22 3.30 -14.39
N THR A 399 15.49 2.00 -14.21
CA THR A 399 14.67 0.92 -14.84
C THR A 399 13.71 0.30 -13.83
N ALA A 400 13.27 1.06 -12.82
CA ALA A 400 12.32 0.55 -11.81
C ALA A 400 11.03 0.17 -12.52
N ILE A 401 10.44 -0.96 -12.13
CA ILE A 401 9.12 -1.44 -12.64
C ILE A 401 8.28 -1.90 -11.45
N SER A 402 7.09 -1.33 -11.33
CA SER A 402 6.10 -1.69 -10.28
C SER A 402 5.32 -2.94 -10.69
N VAL A 403 4.50 -3.45 -9.78
CA VAL A 403 3.66 -4.66 -10.01
C VAL A 403 2.52 -4.30 -10.96
N SER A 404 2.31 -3.01 -11.26
CA SER A 404 1.32 -2.50 -12.24
C SER A 404 2.06 -2.04 -13.51
N TYR A 405 3.36 -2.30 -13.60
CA TYR A 405 4.27 -1.87 -14.70
C TYR A 405 4.27 -0.34 -14.86
N ALA A 406 4.18 0.42 -13.77
CA ALA A 406 4.67 1.83 -13.76
C ALA A 406 6.20 1.83 -13.93
N LEU A 407 6.74 2.79 -14.71
CA LEU A 407 8.11 2.73 -15.29
C LEU A 407 9.01 3.88 -14.82
N GLY A 408 10.28 3.54 -14.59
CA GLY A 408 11.43 4.44 -14.33
C GLY A 408 11.32 5.21 -13.01
N MET A 409 12.26 6.17 -12.84
CA MET A 409 12.49 6.98 -11.62
C MET A 409 11.18 7.60 -11.11
N MET A 410 10.29 8.03 -12.01
CA MET A 410 9.06 8.78 -11.63
C MET A 410 7.82 7.90 -11.80
N GLN A 411 7.97 6.61 -12.14
CA GLN A 411 6.87 5.59 -12.04
C GLN A 411 5.62 6.07 -12.78
N PHE A 412 5.78 6.42 -14.06
CA PHE A 412 4.66 6.70 -14.98
C PHE A 412 4.02 5.37 -15.37
N MET A 413 2.71 5.26 -15.20
CA MET A 413 1.91 4.20 -15.86
C MET A 413 2.02 4.40 -17.37
N PRO A 414 2.19 3.31 -18.16
CA PRO A 414 2.19 3.38 -19.63
C PRO A 414 1.14 4.31 -20.29
N PHE A 415 -0.12 4.27 -19.86
CA PHE A 415 -1.16 5.07 -20.53
C PHE A 415 -0.76 6.54 -20.45
N LEU A 416 -0.21 6.95 -19.29
CA LEU A 416 0.17 8.36 -19.01
C LEU A 416 1.44 8.72 -19.80
N ALA A 417 2.46 7.85 -19.75
CA ALA A 417 3.71 8.08 -20.51
C ALA A 417 3.39 8.24 -22.00
N ASN A 418 2.44 7.45 -22.53
CA ASN A 418 2.07 7.44 -23.98
C ASN A 418 1.24 8.70 -24.26
N HIS A 419 0.31 9.06 -23.39
CA HIS A 419 -0.50 10.28 -23.53
C HIS A 419 0.42 11.51 -23.59
N ILE A 420 1.40 11.62 -22.69
CA ILE A 420 2.31 12.81 -22.67
C ILE A 420 3.26 12.72 -23.86
N GLY A 421 3.87 11.56 -24.11
CA GLY A 421 4.88 11.33 -25.17
C GLY A 421 4.33 11.45 -26.58
N GLU A 422 3.12 10.95 -26.85
CA GLU A 422 2.55 10.81 -28.21
C GLU A 422 1.60 11.98 -28.49
N LYS A 423 0.45 12.04 -27.82
CA LYS A 423 -0.56 13.14 -27.97
C LYS A 423 0.08 14.51 -27.77
N GLU A 424 0.66 14.81 -26.59
CA GLU A 424 0.99 16.20 -26.19
C GLU A 424 2.31 16.67 -26.78
N LEU A 425 3.39 15.91 -26.62
CA LEU A 425 4.78 16.35 -26.96
C LEU A 425 5.19 15.93 -28.39
N LYS A 426 4.45 15.00 -29.00
CA LYS A 426 4.68 14.49 -30.40
C LYS A 426 6.17 14.17 -30.59
N ILE A 427 6.79 13.58 -29.56
CA ILE A 427 8.20 13.10 -29.65
C ILE A 427 8.26 12.06 -30.76
N PRO A 428 9.19 12.21 -31.73
CA PRO A 428 9.37 11.22 -32.79
C PRO A 428 9.82 9.82 -32.31
N ASN A 429 9.05 8.79 -32.72
CA ASN A 429 9.32 7.35 -32.45
C ASN A 429 9.25 7.10 -30.94
N PHE A 430 8.35 7.81 -30.25
CA PHE A 430 8.20 7.68 -28.78
C PHE A 430 7.85 6.23 -28.49
N ASP A 431 8.51 5.66 -27.48
CA ASP A 431 8.07 4.41 -26.82
C ASP A 431 8.02 4.63 -25.30
N GLN A 432 7.00 4.07 -24.64
CA GLN A 432 6.83 4.08 -23.16
C GLN A 432 8.16 3.73 -22.44
N ASP A 433 9.03 2.86 -22.98
CA ASP A 433 10.35 2.54 -22.36
C ASP A 433 11.29 3.75 -22.28
N PHE A 434 10.97 4.88 -22.92
CA PHE A 434 11.74 6.16 -22.77
C PHE A 434 11.65 6.66 -21.31
N MET A 435 10.63 6.26 -20.57
CA MET A 435 10.49 6.59 -19.12
C MET A 435 11.66 6.02 -18.29
N PHE A 436 12.45 5.08 -18.83
CA PHE A 436 13.66 4.52 -18.16
C PHE A 436 14.85 5.46 -18.28
N LYS A 437 14.74 6.50 -19.12
CA LYS A 437 15.79 7.54 -19.31
C LYS A 437 15.56 8.66 -18.31
N PRO A 438 16.54 8.95 -17.42
CA PRO A 438 16.41 10.03 -16.45
C PRO A 438 15.93 11.35 -17.07
N GLU A 439 16.54 11.74 -18.20
CA GLU A 439 16.18 13.00 -18.90
C GLU A 439 14.67 13.01 -19.07
N ILE A 440 14.13 11.87 -19.50
CA ILE A 440 12.71 11.80 -19.94
C ILE A 440 11.85 11.77 -18.68
N ALA A 441 12.28 11.01 -17.67
CA ALA A 441 11.50 10.84 -16.42
C ALA A 441 11.36 12.20 -15.74
N TYR A 442 12.46 12.92 -15.58
CA TYR A 442 12.44 14.24 -14.89
C TYR A 442 11.57 15.20 -15.72
N TYR A 443 11.77 15.19 -17.04
CA TYR A 443 11.06 16.08 -18.00
C TYR A 443 9.57 15.81 -17.90
N PHE A 444 9.14 14.54 -17.96
CA PHE A 444 7.69 14.20 -17.89
C PHE A 444 7.16 14.52 -16.50
N GLY A 445 7.99 14.34 -15.47
CA GLY A 445 7.65 14.66 -14.08
C GLY A 445 7.33 16.13 -13.93
N ASN A 446 8.23 17.00 -14.39
CA ASN A 446 7.99 18.46 -14.43
C ASN A 446 6.66 18.71 -15.13
N TYR A 447 6.49 18.16 -16.33
CA TYR A 447 5.31 18.43 -17.18
C TYR A 447 4.06 18.02 -16.41
N HIS A 448 4.06 16.87 -15.75
CA HIS A 448 2.83 16.36 -15.08
C HIS A 448 2.60 17.16 -13.80
N LEU A 449 3.68 17.50 -13.10
CA LEU A 449 3.57 18.29 -11.85
C LEU A 449 2.96 19.66 -12.15
N ASN A 450 3.29 20.32 -13.28
CA ASN A 450 2.62 21.59 -13.68
C ASN A 450 1.12 21.38 -13.80
N TYR A 451 0.69 20.26 -14.41
CA TYR A 451 -0.75 19.92 -14.53
C TYR A 451 -1.35 19.88 -13.11
N LEU A 452 -0.75 19.13 -12.18
CA LEU A 452 -1.38 18.83 -10.86
C LEU A 452 -1.34 20.07 -9.96
N GLU A 453 -0.17 20.70 -9.87
CA GLU A 453 0.09 21.88 -8.99
C GLU A 453 -0.81 23.06 -9.38
N SER A 454 -1.06 23.29 -10.66
CA SER A 454 -1.95 24.39 -11.10
C SER A 454 -3.38 24.17 -10.58
N ARG A 455 -3.81 22.91 -10.39
CA ARG A 455 -5.17 22.55 -9.90
C ARG A 455 -5.21 22.33 -8.38
N LEU A 456 -4.09 22.00 -7.71
CA LEU A 456 -4.15 21.51 -6.30
C LEU A 456 -3.36 22.39 -5.33
N LYS A 457 -2.20 22.93 -5.71
CA LYS A 457 -1.41 23.92 -4.92
C LYS A 457 -0.52 23.22 -3.88
N SER A 458 -1.10 22.64 -2.84
CA SER A 458 -0.34 21.97 -1.74
C SER A 458 0.48 20.81 -2.31
N PRO A 459 1.78 20.71 -1.96
CA PRO A 459 2.58 19.57 -2.35
C PRO A 459 2.00 18.26 -1.78
N LEU A 460 1.32 18.29 -0.62
CA LEU A 460 0.66 17.08 -0.09
C LEU A 460 -0.44 16.61 -1.07
N PHE A 461 -1.33 17.51 -1.48
CA PHE A 461 -2.45 17.21 -2.41
C PHE A 461 -1.89 16.75 -3.77
N VAL A 462 -0.85 17.41 -4.26
CA VAL A 462 -0.14 17.00 -5.51
C VAL A 462 0.34 15.55 -5.34
N ALA A 463 0.87 15.19 -4.17
CA ALA A 463 1.44 13.85 -3.91
C ALA A 463 0.31 12.82 -4.02
N TYR A 464 -0.81 13.06 -3.33
CA TYR A 464 -2.02 12.21 -3.38
C TYR A 464 -2.43 12.03 -4.85
N ALA A 465 -2.40 13.08 -5.64
CA ALA A 465 -2.91 13.04 -7.02
C ALA A 465 -1.89 12.34 -7.93
N TYR A 466 -0.60 12.42 -7.61
CA TYR A 466 0.46 11.78 -8.42
C TYR A 466 0.27 10.25 -8.33
N ASN A 467 -0.05 9.74 -7.12
CA ASN A 467 -0.09 8.28 -6.85
C ASN A 467 -1.51 7.71 -7.09
N GLY A 468 -2.54 8.44 -6.72
CA GLY A 468 -3.95 7.98 -6.72
C GLY A 468 -4.79 8.58 -7.86
N GLY A 469 -4.33 9.68 -8.45
CA GLY A 469 -4.98 10.35 -9.59
C GLY A 469 -5.73 11.61 -9.19
N ILE A 470 -5.85 12.56 -10.11
CA ILE A 470 -6.55 13.85 -9.82
C ILE A 470 -8.04 13.59 -9.58
N GLY A 471 -8.61 12.54 -10.18
CA GLY A 471 -10.02 12.18 -10.00
C GLY A 471 -10.29 11.78 -8.56
N PHE A 472 -9.60 10.75 -8.11
CA PHE A 472 -9.51 10.33 -6.69
C PHE A 472 -9.36 11.55 -5.78
N THR A 473 -8.37 12.42 -6.05
CA THR A 473 -7.99 13.51 -5.11
C THR A 473 -9.11 14.57 -5.10
N ASN A 474 -9.65 14.93 -6.27
CA ASN A 474 -10.72 15.95 -6.38
C ASN A 474 -11.94 15.48 -5.57
N ARG A 475 -12.27 14.19 -5.66
CA ARG A 475 -13.47 13.62 -4.99
C ARG A 475 -13.21 13.60 -3.47
N MET A 476 -11.99 13.27 -3.05
CA MET A 476 -11.66 13.30 -1.60
C MET A 476 -11.75 14.72 -1.06
N LEU A 477 -11.14 15.72 -1.72
CA LEU A 477 -11.10 17.13 -1.19
C LEU A 477 -12.50 17.77 -1.18
N ALA A 478 -13.43 17.25 -2.00
CA ALA A 478 -14.82 17.76 -2.14
C ALA A 478 -15.72 17.26 -1.00
N ARG A 479 -15.35 16.17 -0.33
CA ARG A 479 -16.07 15.67 0.89
C ARG A 479 -16.05 16.81 1.93
N ASN A 480 -17.09 16.94 2.74
CA ASN A 480 -17.21 18.07 3.70
C ASN A 480 -16.48 17.72 5.01
N ASP A 481 -15.93 16.51 5.12
CA ASP A 481 -15.25 16.01 6.35
C ASP A 481 -13.74 15.86 6.11
N MET A 482 -13.19 16.30 4.97
CA MET A 482 -11.76 16.12 4.62
C MET A 482 -11.10 17.49 4.39
N PHE A 483 -10.03 17.73 5.16
CA PHE A 483 -9.12 18.89 5.05
C PHE A 483 -9.89 20.20 5.21
N LYS A 484 -10.79 20.25 6.20
CA LYS A 484 -11.58 21.45 6.63
C LYS A 484 -11.03 21.88 7.99
N THR A 485 -11.61 22.92 8.61
CA THR A 485 -11.20 23.40 9.96
C THR A 485 -11.70 22.39 11.00
N GLY A 486 -10.92 22.17 12.04
CA GLY A 486 -11.32 21.34 13.19
C GLY A 486 -10.20 21.26 14.20
N LYS A 487 -10.53 20.90 15.43
CA LYS A 487 -9.59 20.62 16.55
C LYS A 487 -8.27 20.02 16.04
N PHE A 488 -8.38 18.87 15.37
CA PHE A 488 -7.23 17.95 15.13
C PHE A 488 -6.86 17.96 13.66
N GLU A 489 -7.31 18.98 12.92
CA GLU A 489 -7.03 19.09 11.47
C GLU A 489 -5.73 19.85 11.28
N PRO A 490 -5.00 19.64 10.17
CA PRO A 490 -5.34 18.66 9.15
C PRO A 490 -4.86 17.23 9.42
N PHE A 491 -4.27 16.98 10.59
CA PHE A 491 -3.66 15.67 10.95
C PHE A 491 -4.70 14.53 10.84
N LEU A 492 -5.93 14.74 11.31
CA LEU A 492 -7.00 13.70 11.30
C LEU A 492 -7.31 13.33 9.83
N SER A 493 -7.47 14.32 8.94
CA SER A 493 -7.77 14.09 7.51
C SER A 493 -6.70 13.17 6.91
N MET A 494 -5.43 13.37 7.27
CA MET A 494 -4.29 12.60 6.72
C MET A 494 -4.38 11.14 7.14
N GLU A 495 -5.12 10.83 8.22
CA GLU A 495 -5.31 9.45 8.71
C GLU A 495 -6.54 8.81 8.01
N LEU A 496 -7.38 9.59 7.34
CA LEU A 496 -8.68 9.09 6.81
C LEU A 496 -8.67 9.10 5.27
N VAL A 497 -7.54 9.39 4.63
CA VAL A 497 -7.39 9.23 3.16
C VAL A 497 -7.75 7.79 2.83
N PRO A 498 -8.82 7.57 2.03
CA PRO A 498 -9.42 6.23 1.87
C PRO A 498 -8.61 5.15 1.11
N TYR A 499 -7.49 5.46 0.48
CA TYR A 499 -6.67 4.46 -0.28
C TYR A 499 -5.31 4.42 0.45
N GLN A 500 -5.04 3.31 1.15
CA GLN A 500 -3.88 3.14 2.07
C GLN A 500 -2.55 3.51 1.39
N GLU A 501 -2.30 2.99 0.20
CA GLU A 501 -1.09 3.30 -0.59
C GLU A 501 -0.93 4.84 -0.69
N SER A 502 -2.00 5.56 -0.99
CA SER A 502 -1.98 7.03 -1.18
C SER A 502 -1.80 7.74 0.18
N ARG A 503 -2.47 7.27 1.22
CA ARG A 503 -2.37 7.79 2.61
C ARG A 503 -0.90 7.79 3.07
N ILE A 504 -0.18 6.70 2.83
CA ILE A 504 1.24 6.52 3.22
C ILE A 504 2.12 7.34 2.29
N TYR A 505 1.80 7.34 0.98
CA TYR A 505 2.63 8.03 -0.05
C TYR A 505 2.71 9.54 0.28
N GLY A 506 1.59 10.14 0.67
CA GLY A 506 1.50 11.57 0.99
C GLY A 506 2.43 11.94 2.12
N LYS A 507 2.36 11.20 3.22
CA LYS A 507 3.20 11.42 4.42
C LYS A 507 4.67 11.35 4.03
N LYS A 508 5.05 10.34 3.25
CA LYS A 508 6.47 10.06 2.94
C LYS A 508 7.00 11.14 2.00
N VAL A 509 6.20 11.51 1.00
CA VAL A 509 6.66 12.47 -0.05
C VAL A 509 6.77 13.86 0.60
N LEU A 510 5.83 14.21 1.48
CA LEU A 510 5.86 15.50 2.22
C LEU A 510 7.18 15.60 2.99
N ALA A 511 7.54 14.58 3.79
CA ALA A 511 8.82 14.53 4.53
C ALA A 511 9.97 14.76 3.56
N ASN A 512 9.96 14.06 2.42
CA ASN A 512 11.05 14.13 1.43
C ASN A 512 11.13 15.57 0.91
N TYR A 513 9.99 16.16 0.58
CA TYR A 513 9.89 17.55 0.08
C TYR A 513 10.54 18.51 1.08
N ILE A 514 10.19 18.43 2.37
CA ILE A 514 10.80 19.29 3.44
C ILE A 514 12.33 19.12 3.43
N VAL A 515 12.84 17.89 3.41
CA VAL A 515 14.31 17.64 3.43
C VAL A 515 14.97 18.28 2.19
N TYR A 516 14.45 18.07 0.98
CA TYR A 516 15.14 18.46 -0.27
C TYR A 516 15.13 19.98 -0.32
N ARG A 517 14.05 20.61 0.14
CA ARG A 517 13.96 22.08 0.19
C ARG A 517 15.04 22.61 1.13
N HIS A 518 15.34 21.88 2.21
CA HIS A 518 16.42 22.27 3.16
C HIS A 518 17.79 22.13 2.48
N LEU A 519 18.06 21.00 1.82
CA LEU A 519 19.35 20.74 1.15
C LEU A 519 19.57 21.74 0.01
N LEU A 520 18.52 22.28 -0.59
CA LEU A 520 18.69 23.23 -1.71
C LEU A 520 18.73 24.67 -1.20
N ASN A 521 18.80 24.92 0.12
CA ASN A 521 18.85 26.28 0.71
C ASN A 521 17.61 27.05 0.34
N ASP A 522 16.46 26.37 0.31
CA ASP A 522 15.12 26.95 0.04
C ASP A 522 14.17 26.37 1.10
N SER A 523 14.61 26.40 2.36
CA SER A 523 13.87 25.95 3.58
C SER A 523 12.44 26.47 3.58
N ILE A 524 11.49 25.63 3.97
CA ILE A 524 10.12 26.08 4.37
C ILE A 524 9.78 25.40 5.69
N LYS A 525 8.99 26.06 6.52
CA LYS A 525 8.54 25.55 7.84
C LYS A 525 7.38 24.58 7.57
N ILE A 526 7.47 23.36 8.11
CA ILE A 526 6.42 22.33 7.87
C ILE A 526 5.10 22.86 8.45
N SER A 527 5.15 23.74 9.45
CA SER A 527 3.93 24.39 10.01
C SER A 527 3.25 25.27 8.94
N ASP A 528 3.98 25.88 8.01
CA ASP A 528 3.32 26.65 6.91
C ASP A 528 2.56 25.66 6.01
N ILE A 529 3.19 24.52 5.67
CA ILE A 529 2.58 23.45 4.83
C ILE A 529 1.26 23.04 5.50
N PHE A 530 1.27 22.76 6.82
CA PHE A 530 0.08 22.26 7.56
C PHE A 530 -1.04 23.32 7.58
N GLU A 531 -0.70 24.61 7.74
CA GLU A 531 -1.69 25.72 7.72
C GLU A 531 -2.40 25.82 6.36
N ASN A 532 -1.67 25.65 5.24
CA ASN A 532 -2.21 25.68 3.84
C ASN A 532 -3.07 24.46 3.52
N LEU A 533 -3.11 23.41 4.36
CA LEU A 533 -3.96 22.21 4.12
C LEU A 533 -5.42 22.48 4.55
N ILE A 534 -5.67 23.53 5.32
CA ILE A 534 -7.06 23.83 5.80
C ILE A 534 -7.71 24.84 4.85
N GLN A 535 -8.72 24.43 4.07
CA GLN A 535 -9.36 25.30 3.03
C GLN A 535 -10.15 26.41 3.72
N ASN A 536 -9.65 27.66 3.61
CA ASN A 536 -10.33 28.93 4.01
C ASN A 536 -10.71 29.71 2.75
#